data_7BAU
#
_entry.id   7BAU
#
_cell.length_a   40.597
_cell.length_b   53.446
_cell.length_c   56.156
_cell.angle_alpha   90.000
_cell.angle_beta   90.000
_cell.angle_gamma   90.000
#
_symmetry.space_group_name_H-M   'P 1 21 1'
#
loop_
_entity.id
_entity.type
_entity.pdbx_description
1 polymer CC-Type2-(TgLaId)4-W19BrPhe.
2 water water
#
_entity_poly.entity_id   1
_entity_poly.type   'polypeptide(L)'
_entity_poly.pdbx_seq_one_letter_code
;(ACE)GEIAQTIKEIAKTIKEIA(4BF)TIKEIAQTIKG(NH2)
;
_entity_poly.pdbx_strand_id   A,B,C,D,E,F,G,H,I,J
#
loop_
_chem_comp.id
_chem_comp.type
_chem_comp.name
_chem_comp.formula
ACE non-polymer 'ACETYL GROUP' 'C2 H4 O'
NH2 non-polymer 'AMINO GROUP' 'H2 N'
#
# COMPACT_ATOMS: atom_id res chain seq x y z
C ACE A 1 -4.89 24.74 -24.64
O ACE A 1 -3.85 25.32 -24.73
CH3 ACE A 1 -5.11 23.31 -25.18
N GLY A 2 -5.95 25.28 -24.05
CA GLY A 2 -5.86 26.60 -23.41
C GLY A 2 -5.04 26.58 -22.14
N GLU A 3 -4.66 27.75 -21.66
CA GLU A 3 -3.72 27.90 -20.51
C GLU A 3 -4.30 27.27 -19.24
N ILE A 4 -5.57 27.46 -18.93
CA ILE A 4 -6.15 26.87 -17.69
C ILE A 4 -6.14 25.35 -17.82
N ALA A 5 -6.64 24.81 -18.94
CA ALA A 5 -6.69 23.36 -19.17
C ALA A 5 -5.28 22.79 -19.08
N GLN A 6 -4.29 23.45 -19.67
CA GLN A 6 -2.91 22.90 -19.73
C GLN A 6 -2.34 22.89 -18.31
N THR A 7 -2.59 23.91 -17.52
CA THR A 7 -2.04 23.99 -16.15
C THR A 7 -2.67 22.90 -15.31
N ILE A 8 -3.97 22.70 -15.40
CA ILE A 8 -4.66 21.65 -14.61
C ILE A 8 -4.13 20.27 -15.03
N LYS A 9 -3.91 20.05 -16.32
CA LYS A 9 -3.32 18.78 -16.81
C LYS A 9 -1.93 18.58 -16.19
N GLU A 10 -1.12 19.62 -16.14
CA GLU A 10 0.25 19.57 -15.58
C GLU A 10 0.16 19.20 -14.10
N ILE A 11 -0.76 19.81 -13.38
CA ILE A 11 -0.98 19.49 -11.93
C ILE A 11 -1.35 18.02 -11.82
N ALA A 12 -2.29 17.54 -12.61
CA ALA A 12 -2.75 16.14 -12.51
C ALA A 12 -1.56 15.19 -12.74
N LYS A 13 -0.73 15.49 -13.73
CA LYS A 13 0.42 14.60 -14.07
C LYS A 13 1.41 14.62 -12.90
N THR A 14 1.71 15.78 -12.36
CA THR A 14 2.71 15.90 -11.28
C THR A 14 2.19 15.18 -10.04
N ILE A 15 0.92 15.31 -9.73
CA ILE A 15 0.34 14.63 -8.53
C ILE A 15 0.45 13.11 -8.73
N LYS A 16 0.24 12.62 -9.96
CA LYS A 16 0.41 11.17 -10.23
C LYS A 16 1.87 10.76 -10.03
N GLU A 17 2.83 11.60 -10.41
CA GLU A 17 4.28 11.31 -10.16
C GLU A 17 4.51 11.19 -8.66
N ILE A 18 3.97 12.11 -7.88
CA ILE A 18 4.12 12.10 -6.40
C ILE A 18 3.50 10.80 -5.86
N ALA A 19 2.33 10.43 -6.34
CA ALA A 19 1.62 9.20 -5.89
C ALA A 19 2.49 7.99 -6.17
CD1 4BF A 20 5.20 4.77 -10.12
CE1 4BF A 20 6.17 3.84 -10.50
CZ 4BF A 20 7.50 4.12 -10.25
BR 4BF A 20 8.83 2.86 -10.73
CE2 4BF A 20 7.88 5.31 -9.68
CD2 4BF A 20 6.89 6.21 -9.31
CG 4BF A 20 5.55 5.94 -9.51
CB 4BF A 20 4.50 6.91 -9.08
CA 4BF A 20 4.07 6.80 -7.63
N 4BF A 20 3.20 7.96 -7.26
C 4BF A 20 5.25 6.82 -6.65
O 4BF A 20 5.55 5.75 -6.08
N THR A 21 5.85 7.95 -6.41
CA THR A 21 7.07 8.02 -5.57
C THR A 21 6.68 7.64 -4.16
N ILE A 22 5.55 8.12 -3.64
CA ILE A 22 5.19 7.81 -2.23
C ILE A 22 4.88 6.31 -2.12
N LYS A 23 4.32 5.70 -3.14
CA LYS A 23 4.09 4.23 -3.14
C LYS A 23 5.44 3.50 -3.11
N GLU A 24 6.42 3.98 -3.85
CA GLU A 24 7.79 3.38 -3.83
C GLU A 24 8.36 3.49 -2.39
N ILE A 25 8.18 4.62 -1.75
CA ILE A 25 8.63 4.82 -0.34
C ILE A 25 7.89 3.82 0.56
N ALA A 26 6.59 3.71 0.45
CA ALA A 26 5.78 2.75 1.28
C ALA A 26 6.31 1.33 1.06
N GLN A 27 6.66 0.96 -0.16
CA GLN A 27 7.20 -0.39 -0.46
C GLN A 27 8.58 -0.59 0.20
N THR A 28 9.45 0.42 0.16
CA THR A 28 10.82 0.35 0.73
C THR A 28 10.69 0.19 2.25
N ILE A 29 9.73 0.87 2.87
CA ILE A 29 9.59 0.93 4.35
C ILE A 29 8.83 -0.31 4.89
N LYS A 30 7.67 -0.65 4.28
CA LYS A 30 6.75 -1.77 4.65
C LYS A 30 7.15 -3.07 3.93
N GLU B 3 -12.03 17.41 -20.08
CA GLU B 3 -13.08 17.93 -19.19
C GLU B 3 -12.44 18.46 -17.89
N ILE B 4 -12.78 19.70 -17.56
CA ILE B 4 -12.26 20.36 -16.33
C ILE B 4 -12.76 19.59 -15.11
N ALA B 5 -14.07 19.32 -15.03
CA ALA B 5 -14.66 18.62 -13.87
C ALA B 5 -13.97 17.27 -13.72
N GLN B 6 -13.77 16.55 -14.82
CA GLN B 6 -13.23 15.17 -14.74
C GLN B 6 -11.78 15.22 -14.27
N THR B 7 -11.00 16.18 -14.74
CA THR B 7 -9.56 16.28 -14.36
C THR B 7 -9.48 16.61 -12.88
N ILE B 8 -10.28 17.54 -12.40
CA ILE B 8 -10.27 17.91 -10.96
C ILE B 8 -10.71 16.69 -10.12
N LYS B 9 -11.69 15.93 -10.57
CA LYS B 9 -12.12 14.68 -9.87
C LYS B 9 -10.94 13.70 -9.81
N GLU B 10 -10.19 13.56 -10.89
CA GLU B 10 -9.02 12.64 -10.96
C GLU B 10 -7.96 13.12 -9.97
N ILE B 11 -7.74 14.41 -9.89
CA ILE B 11 -6.79 15.00 -8.90
C ILE B 11 -7.28 14.63 -7.49
N ALA B 12 -8.56 14.82 -7.21
CA ALA B 12 -9.11 14.52 -5.86
C ALA B 12 -8.88 13.04 -5.52
N LYS B 13 -9.09 12.14 -6.46
CA LYS B 13 -8.89 10.68 -6.23
C LYS B 13 -7.41 10.40 -5.95
N THR B 14 -6.51 10.97 -6.73
CA THR B 14 -5.07 10.73 -6.55
C THR B 14 -4.63 11.28 -5.19
N ILE B 15 -5.12 12.44 -4.78
CA ILE B 15 -4.73 13.04 -3.48
C ILE B 15 -5.24 12.14 -2.35
N LYS B 16 -6.41 11.53 -2.49
CA LYS B 16 -6.91 10.58 -1.48
C LYS B 16 -5.99 9.35 -1.41
N GLU B 17 -5.48 8.88 -2.53
CA GLU B 17 -4.49 7.75 -2.54
C GLU B 17 -3.27 8.17 -1.76
N ILE B 18 -2.75 9.37 -2.02
CA ILE B 18 -1.55 9.90 -1.34
C ILE B 18 -1.83 9.96 0.16
N ALA B 19 -2.99 10.46 0.57
CA ALA B 19 -3.31 10.60 2.00
C ALA B 19 -3.27 9.21 2.68
CD1 4BF B 20 -3.51 3.82 1.01
CE1 4BF B 20 -3.14 2.50 1.21
CZ 4BF B 20 -3.64 1.84 2.29
BR 4BF B 20 -3.15 0.04 2.53
CE2 4BF B 20 -4.45 2.45 3.21
CD2 4BF B 20 -4.82 3.77 2.99
CG 4BF B 20 -4.36 4.46 1.88
CB 4BF B 20 -4.63 5.93 1.73
CA 4BF B 20 -3.75 6.84 2.57
N 4BF B 20 -3.72 8.20 1.99
C 4BF B 20 -2.29 6.36 2.69
O 4BF B 20 -1.92 5.86 3.77
N THR B 21 -1.54 6.50 1.64
CA THR B 21 -0.16 5.97 1.60
C THR B 21 0.67 6.68 2.65
N ILE B 22 0.54 8.00 2.79
CA ILE B 22 1.40 8.72 3.76
C ILE B 22 1.02 8.29 5.18
N LYS B 23 -0.24 8.01 5.45
CA LYS B 23 -0.66 7.50 6.77
C LYS B 23 -0.03 6.13 7.01
N GLU B 24 0.00 5.27 6.00
CA GLU B 24 0.65 3.94 6.15
C GLU B 24 2.13 4.11 6.48
N ILE B 25 2.80 5.04 5.81
CA ILE B 25 4.25 5.33 6.07
C ILE B 25 4.38 5.81 7.51
N ALA B 26 3.56 6.78 7.95
CA ALA B 26 3.67 7.35 9.30
C ALA B 26 3.46 6.25 10.32
N GLN B 27 2.55 5.31 10.08
CA GLN B 27 2.25 4.23 11.04
C GLN B 27 3.46 3.28 11.14
N THR B 28 4.09 2.96 10.02
CA THR B 28 5.23 2.02 9.99
C THR B 28 6.40 2.65 10.73
N ILE B 29 6.61 3.95 10.58
CA ILE B 29 7.78 4.67 11.17
C ILE B 29 7.57 4.83 12.68
N LYS B 30 6.32 5.15 13.10
CA LYS B 30 6.07 5.53 14.52
C LYS B 30 5.68 4.30 15.35
N GLY B 31 5.39 3.17 14.70
CA GLY B 31 4.78 1.99 15.34
C GLY B 31 5.79 1.19 16.13
N GLU C 3 -20.71 20.80 -8.54
CA GLU C 3 -19.72 19.72 -8.50
C GLU C 3 -18.31 20.32 -8.33
N ILE C 4 -17.89 21.32 -9.11
CA ILE C 4 -16.49 21.81 -9.05
C ILE C 4 -16.20 22.36 -7.66
N ALA C 5 -17.04 23.22 -7.11
CA ALA C 5 -16.82 23.79 -5.76
C ALA C 5 -16.65 22.66 -4.74
N GLN C 6 -17.51 21.66 -4.80
CA GLN C 6 -17.49 20.59 -3.76
C GLN C 6 -16.21 19.77 -3.92
N THR C 7 -15.80 19.48 -5.14
CA THR C 7 -14.60 18.66 -5.40
C THR C 7 -13.37 19.42 -4.90
N ILE C 8 -13.25 20.71 -5.21
CA ILE C 8 -12.06 21.45 -4.78
C ILE C 8 -12.08 21.62 -3.27
N LYS C 9 -13.23 21.74 -2.62
CA LYS C 9 -13.30 21.75 -1.13
C LYS C 9 -12.76 20.42 -0.59
N GLU C 10 -13.14 19.30 -1.20
CA GLU C 10 -12.69 17.95 -0.79
C GLU C 10 -11.17 17.89 -0.94
N ILE C 11 -10.63 18.39 -2.04
CA ILE C 11 -9.17 18.43 -2.28
C ILE C 11 -8.53 19.24 -1.14
N ALA C 12 -9.05 20.43 -0.84
CA ALA C 12 -8.45 21.29 0.20
C ALA C 12 -8.39 20.53 1.54
N LYS C 13 -9.47 19.83 1.88
CA LYS C 13 -9.53 19.11 3.18
C LYS C 13 -8.53 17.97 3.19
N THR C 14 -8.43 17.23 2.11
CA THR C 14 -7.51 16.07 2.02
C THR C 14 -6.08 16.58 2.09
N ILE C 15 -5.75 17.67 1.42
CA ILE C 15 -4.37 18.22 1.46
C ILE C 15 -4.05 18.64 2.90
N LYS C 16 -5.00 19.20 3.63
CA LYS C 16 -4.77 19.55 5.06
C LYS C 16 -4.48 18.28 5.88
N GLU C 17 -5.16 17.18 5.60
CA GLU C 17 -4.87 15.89 6.27
C GLU C 17 -3.43 15.47 5.98
N ILE C 18 -3.03 15.54 4.73
CA ILE C 18 -1.64 15.19 4.31
C ILE C 18 -0.66 16.08 5.05
N ALA C 19 -0.93 17.38 5.13
CA ALA C 19 -0.03 18.35 5.80
C ALA C 19 0.16 17.95 7.26
CD1 4BF C 20 -1.89 15.31 12.01
CE1 4BF C 20 -1.73 15.14 13.38
CZ 4BF C 20 -1.73 16.25 14.20
BR 4BF C 20 -1.50 16.06 16.08
CE2 4BF C 20 -1.83 17.51 13.67
CD2 4BF C 20 -1.96 17.66 12.30
CG 4BF C 20 -1.99 16.58 11.45
CB 4BF C 20 -2.10 16.82 9.96
CA 4BF C 20 -0.73 17.06 9.32
N 4BF C 20 -0.86 17.45 7.90
C 4BF C 20 0.14 15.79 9.41
O 4BF C 20 1.10 15.75 10.21
N THR C 21 -0.07 14.84 8.55
CA THR C 21 0.62 13.54 8.61
C THR C 21 2.11 13.81 8.30
N ILE C 22 2.41 14.64 7.30
CA ILE C 22 3.84 14.85 6.94
C ILE C 22 4.54 15.57 8.10
N LYS C 23 3.85 16.47 8.80
CA LYS C 23 4.45 17.15 9.96
C LYS C 23 4.72 16.11 11.04
N GLU C 24 3.84 15.13 11.26
CA GLU C 24 4.08 14.07 12.27
C GLU C 24 5.37 13.32 11.93
N ILE C 25 5.56 12.99 10.66
CA ILE C 25 6.77 12.28 10.20
C ILE C 25 8.00 13.17 10.46
N ALA C 26 7.96 14.42 10.04
CA ALA C 26 9.09 15.35 10.21
C ALA C 26 9.46 15.46 11.70
N GLN C 27 8.45 15.52 12.57
CA GLN C 27 8.70 15.73 14.01
C GLN C 27 9.32 14.48 14.61
N THR C 28 8.94 13.28 14.19
CA THR C 28 9.47 12.04 14.81
C THR C 28 10.97 11.93 14.54
N ILE C 29 11.43 12.35 13.38
CA ILE C 29 12.82 12.16 12.95
C ILE C 29 13.70 13.32 13.36
N LYS C 30 13.18 14.44 13.85
CA LYS C 30 13.93 15.67 14.15
C LYS C 30 14.44 15.63 15.60
N GLY C 31 15.72 15.90 15.84
CA GLY C 31 16.28 16.03 17.20
C GLY C 31 15.89 17.33 17.87
N NH2 C 32 16.36 17.38 19.06
N GLY D 2 -3.63 36.97 -15.04
CA GLY D 2 -5.01 36.87 -14.46
C GLY D 2 -5.02 35.97 -13.24
N GLU D 3 -5.80 36.32 -12.21
CA GLU D 3 -5.69 35.76 -10.85
C GLU D 3 -5.84 34.24 -10.89
N ILE D 4 -6.85 33.66 -11.52
CA ILE D 4 -7.00 32.17 -11.46
C ILE D 4 -5.81 31.51 -12.15
N ALA D 5 -5.46 31.94 -13.36
CA ALA D 5 -4.35 31.33 -14.13
C ALA D 5 -3.07 31.43 -13.31
N GLN D 6 -2.81 32.60 -12.71
CA GLN D 6 -1.51 32.82 -12.02
C GLN D 6 -1.47 31.94 -10.78
N THR D 7 -2.57 31.82 -10.05
CA THR D 7 -2.59 31.05 -8.79
C THR D 7 -2.40 29.58 -9.12
N ILE D 8 -3.08 29.06 -10.14
CA ILE D 8 -2.93 27.62 -10.43
C ILE D 8 -1.54 27.37 -11.01
N LYS D 9 -0.92 28.30 -11.71
CA LYS D 9 0.49 28.15 -12.17
C LYS D 9 1.39 28.07 -10.93
N GLU D 10 1.16 28.89 -9.93
CA GLU D 10 1.95 28.89 -8.67
C GLU D 10 1.79 27.53 -7.99
N ILE D 11 0.57 27.01 -7.95
CA ILE D 11 0.30 25.67 -7.37
C ILE D 11 1.11 24.63 -8.16
N ALA D 12 1.06 24.67 -9.49
CA ALA D 12 1.78 23.69 -10.34
C ALA D 12 3.27 23.73 -10.03
N LYS D 13 3.85 24.90 -9.88
CA LYS D 13 5.30 25.06 -9.61
C LYS D 13 5.63 24.48 -8.24
N THR D 14 4.81 24.77 -7.24
CA THR D 14 5.06 24.27 -5.87
C THR D 14 4.98 22.73 -5.88
N ILE D 15 3.99 22.16 -6.56
CA ILE D 15 3.83 20.68 -6.61
C ILE D 15 5.06 20.07 -7.31
N LYS D 16 5.62 20.72 -8.33
CA LYS D 16 6.86 20.23 -8.98
C LYS D 16 8.02 20.27 -7.98
N GLU D 17 8.10 21.27 -7.12
CA GLU D 17 9.16 21.33 -6.06
C GLU D 17 8.99 20.10 -5.17
N ILE D 18 7.77 19.83 -4.74
CA ILE D 18 7.46 18.69 -3.84
C ILE D 18 7.89 17.39 -4.55
N ALA D 19 7.56 17.24 -5.84
CA ALA D 19 7.86 16.02 -6.60
C ALA D 19 9.37 15.78 -6.61
CD1 4BF D 20 14.78 17.85 -6.50
CE1 4BF D 20 16.08 17.52 -6.75
CZ 4BF D 20 16.47 17.07 -8.00
BR 4BF D 20 18.28 16.51 -8.28
CE2 4BF D 20 15.52 16.92 -8.99
CD2 4BF D 20 14.20 17.26 -8.71
CG 4BF D 20 13.80 17.69 -7.46
CB 4BF D 20 12.32 17.96 -7.19
CA 4BF D 20 11.62 16.66 -6.77
N 4BF D 20 10.16 16.83 -6.69
C 4BF D 20 12.11 16.21 -5.38
O 4BF D 20 12.85 15.19 -5.28
N THR D 21 11.62 16.83 -4.34
CA THR D 21 12.11 16.59 -2.98
C THR D 21 11.70 15.18 -2.58
N ILE D 22 10.48 14.76 -2.89
CA ILE D 22 10.02 13.42 -2.44
C ILE D 22 10.87 12.35 -3.16
N LYS D 23 11.25 12.59 -4.40
CA LYS D 23 12.10 11.62 -5.12
C LYS D 23 13.48 11.57 -4.45
N GLU D 24 14.02 12.70 -4.02
CA GLU D 24 15.33 12.73 -3.34
C GLU D 24 15.22 11.87 -2.07
N ILE D 25 14.13 12.04 -1.30
CA ILE D 25 13.93 11.25 -0.06
C ILE D 25 13.87 9.77 -0.41
N ALA D 26 13.06 9.40 -1.39
CA ALA D 26 12.89 7.97 -1.77
C ALA D 26 14.26 7.37 -2.13
N GLN D 27 15.07 8.13 -2.86
CA GLN D 27 16.36 7.61 -3.37
C GLN D 27 17.34 7.42 -2.22
N THR D 28 17.34 8.31 -1.23
CA THR D 28 18.33 8.22 -0.12
C THR D 28 18.09 6.94 0.67
N ILE D 29 16.84 6.53 0.83
CA ILE D 29 16.48 5.37 1.68
C ILE D 29 16.46 4.07 0.90
N LYS D 30 16.56 4.06 -0.41
CA LYS D 30 16.43 2.86 -1.27
C LYS D 30 17.80 2.17 -1.43
N GLY D 31 17.86 0.85 -1.22
CA GLY D 31 19.11 0.08 -1.26
C GLY D 31 19.59 -0.21 -2.66
N NH2 D 32 18.80 0.11 -3.63
C ACE E 1 -14.92 35.36 -2.19
O ACE E 1 -15.52 34.91 -1.27
CH3 ACE E 1 -13.90 36.49 -1.97
N GLY E 2 -15.14 35.02 -3.45
CA GLY E 2 -16.03 33.94 -3.80
C GLY E 2 -15.51 32.58 -3.38
N GLU E 3 -16.40 31.59 -3.31
CA GLU E 3 -16.05 30.26 -2.75
C GLU E 3 -14.95 29.58 -3.58
N ILE E 4 -15.01 29.62 -4.90
CA ILE E 4 -13.94 28.96 -5.73
C ILE E 4 -12.60 29.66 -5.46
N ALA E 5 -12.54 30.98 -5.53
CA ALA E 5 -11.31 31.75 -5.33
C ALA E 5 -10.74 31.44 -3.94
N GLN E 6 -11.61 31.40 -2.93
CA GLN E 6 -11.13 31.22 -1.53
C GLN E 6 -10.57 29.80 -1.38
N THR E 7 -11.22 28.80 -1.96
CA THR E 7 -10.77 27.40 -1.84
C THR E 7 -9.43 27.25 -2.54
N ILE E 8 -9.26 27.81 -3.73
CA ILE E 8 -7.97 27.71 -4.48
C ILE E 8 -6.87 28.40 -3.65
N LYS E 9 -7.16 29.55 -3.03
CA LYS E 9 -6.16 30.24 -2.16
C LYS E 9 -5.76 29.30 -1.00
N GLU E 10 -6.73 28.63 -0.39
CA GLU E 10 -6.48 27.71 0.75
C GLU E 10 -5.58 26.58 0.27
N ILE E 11 -5.86 26.02 -0.90
CA ILE E 11 -5.06 24.93 -1.49
C ILE E 11 -3.62 25.46 -1.68
N ALA E 12 -3.46 26.64 -2.27
CA ALA E 12 -2.12 27.17 -2.57
C ALA E 12 -1.33 27.32 -1.27
N LYS E 13 -1.97 27.81 -0.22
CA LYS E 13 -1.26 28.05 1.07
C LYS E 13 -0.84 26.71 1.66
N THR E 14 -1.74 25.74 1.66
CA THR E 14 -1.46 24.43 2.27
C THR E 14 -0.34 23.75 1.49
N ILE E 15 -0.34 23.83 0.18
CA ILE E 15 0.72 23.16 -0.63
C ILE E 15 2.07 23.81 -0.31
N LYS E 16 2.12 25.13 -0.08
CA LYS E 16 3.38 25.80 0.30
C LYS E 16 3.85 25.25 1.66
N GLU E 17 2.93 25.03 2.61
CA GLU E 17 3.29 24.46 3.93
C GLU E 17 3.91 23.08 3.71
N ILE E 18 3.27 22.25 2.91
CA ILE E 18 3.74 20.87 2.63
C ILE E 18 5.12 20.95 2.02
N ALA E 19 5.34 21.85 1.05
CA ALA E 19 6.65 21.97 0.38
C ALA E 19 7.73 22.29 1.41
CD1 4BF E 20 9.14 24.93 6.42
CE1 4BF E 20 10.16 25.35 7.25
CZ 4BF E 20 11.38 25.70 6.71
BR 4BF E 20 12.85 26.12 7.83
CE2 4BF E 20 11.54 25.74 5.35
CD2 4BF E 20 10.47 25.40 4.52
CG 4BF E 20 9.22 25.12 5.06
CB 4BF E 20 8.07 24.68 4.18
CA 4BF E 20 8.46 23.44 3.39
N 4BF E 20 7.44 23.07 2.40
C 4BF E 20 8.66 22.25 4.32
O 4BF E 20 9.80 21.93 4.56
N THR E 21 7.68 21.52 4.70
CA THR E 21 7.81 20.38 5.63
C THR E 21 8.61 19.30 4.89
N ILE E 22 8.33 19.03 3.62
CA ILE E 22 9.08 17.95 2.93
C ILE E 22 10.55 18.38 2.77
N LYS E 23 10.81 19.64 2.55
CA LYS E 23 12.20 20.17 2.50
C LYS E 23 12.86 19.96 3.87
N GLU E 24 12.16 20.20 4.96
CA GLU E 24 12.74 19.99 6.32
C GLU E 24 13.02 18.51 6.49
N ILE E 25 12.19 17.60 6.03
CA ILE E 25 12.43 16.13 6.11
C ILE E 25 13.71 15.84 5.33
N ALA E 26 13.83 16.32 4.09
CA ALA E 26 15.03 16.05 3.28
C ALA E 26 16.27 16.57 4.00
N GLN E 27 16.19 17.73 4.63
CA GLN E 27 17.35 18.34 5.33
C GLN E 27 17.72 17.49 6.56
N THR E 28 16.73 17.02 7.31
CA THR E 28 16.96 16.24 8.57
C THR E 28 17.62 14.92 8.18
N ILE E 29 17.22 14.32 7.06
CA ILE E 29 17.71 12.97 6.69
C ILE E 29 19.09 13.09 6.08
N LYS E 30 19.36 14.13 5.30
CA LYS E 30 20.58 14.07 4.41
C LYS E 30 21.26 15.43 4.28
N GLY E 31 20.60 16.54 4.59
CA GLY E 31 21.19 17.89 4.52
C GLY E 31 21.14 18.42 3.10
N NH2 E 32 22.10 19.26 3.02
N GLU F 3 14.06 -33.47 4.03
CA GLU F 3 12.65 -33.18 3.81
C GLU F 3 12.29 -31.79 4.36
N ILE F 4 12.62 -31.42 5.58
CA ILE F 4 12.12 -30.13 6.14
C ILE F 4 12.66 -28.96 5.31
N ALA F 5 13.96 -28.90 5.04
CA ALA F 5 14.56 -27.81 4.23
C ALA F 5 13.87 -27.73 2.88
N GLN F 6 13.66 -28.86 2.22
CA GLN F 6 13.12 -28.87 0.85
C GLN F 6 11.67 -28.38 0.90
N THR F 7 10.89 -28.79 1.88
CA THR F 7 9.46 -28.44 1.97
C THR F 7 9.37 -26.93 2.23
N ILE F 8 10.17 -26.40 3.15
CA ILE F 8 10.05 -24.95 3.43
C ILE F 8 10.56 -24.14 2.24
N LYS F 9 11.53 -24.62 1.47
CA LYS F 9 11.95 -23.94 0.21
C LYS F 9 10.76 -23.92 -0.76
N GLU F 10 10.04 -25.02 -0.87
CA GLU F 10 8.87 -25.13 -1.78
C GLU F 10 7.81 -24.12 -1.32
N ILE F 11 7.57 -24.03 -0.02
CA ILE F 11 6.62 -23.05 0.55
C ILE F 11 7.07 -21.64 0.16
N ALA F 12 8.34 -21.32 0.34
CA ALA F 12 8.85 -19.95 0.04
C ALA F 12 8.59 -19.62 -1.44
N LYS F 13 8.85 -20.56 -2.32
CA LYS F 13 8.68 -20.33 -3.78
C LYS F 13 7.20 -20.12 -4.10
N THR F 14 6.34 -20.94 -3.53
CA THR F 14 4.89 -20.86 -3.80
C THR F 14 4.36 -19.54 -3.27
N ILE F 15 4.79 -19.10 -2.09
CA ILE F 15 4.33 -17.81 -1.52
CA ILE F 15 4.29 -17.82 -1.55
C ILE F 15 4.78 -16.67 -2.44
N LYS F 16 5.95 -16.75 -3.03
CA LYS F 16 6.41 -15.72 -3.98
C LYS F 16 5.50 -15.71 -5.23
N GLU F 17 5.06 -16.86 -5.70
CA GLU F 17 4.10 -16.95 -6.83
C GLU F 17 2.81 -16.22 -6.44
N ILE F 18 2.31 -16.51 -5.25
CA ILE F 18 1.06 -15.88 -4.73
C ILE F 18 1.27 -14.36 -4.67
N ALA F 19 2.41 -13.91 -4.17
CA ALA F 19 2.72 -12.46 -4.04
C ALA F 19 2.63 -11.80 -5.41
CD1 4BF F 20 3.19 -12.20 -11.18
CE1 4BF F 20 3.29 -11.50 -12.36
CZ 4BF F 20 4.31 -10.57 -12.51
BR 4BF F 20 4.50 -9.58 -14.12
CE2 4BF F 20 5.17 -10.32 -11.48
CD2 4BF F 20 5.03 -11.01 -10.29
CG 4BF F 20 4.04 -11.97 -10.10
CB 4BF F 20 3.92 -12.65 -8.78
CA 4BF F 20 3.05 -11.86 -7.80
N 4BF F 20 3.07 -12.45 -6.45
C 4BF F 20 1.60 -11.78 -8.27
O 4BF F 20 1.16 -10.69 -8.73
N THR F 21 0.83 -12.81 -8.07
CA THR F 21 -0.54 -12.87 -8.58
C THR F 21 -1.37 -11.81 -7.84
N ILE F 22 -1.21 -11.69 -6.52
CA ILE F 22 -2.05 -10.74 -5.76
C ILE F 22 -1.69 -9.31 -6.22
N LYS F 23 -0.42 -9.05 -6.51
CA LYS F 23 -0.01 -7.72 -7.02
C LYS F 23 -0.68 -7.46 -8.37
N GLU F 24 -0.77 -8.47 -9.24
CA GLU F 24 -1.46 -8.29 -10.55
C GLU F 24 -2.92 -7.88 -10.30
N ILE F 25 -3.59 -8.53 -9.36
CA ILE F 25 -4.99 -8.21 -9.03
C ILE F 25 -5.06 -6.76 -8.53
N ALA F 26 -4.22 -6.39 -7.58
CA ALA F 26 -4.22 -5.03 -6.98
C ALA F 26 -4.02 -3.99 -8.09
N GLN F 27 -3.12 -4.27 -9.03
CA GLN F 27 -2.78 -3.28 -10.07
C GLN F 27 -3.94 -3.12 -11.03
N THR F 28 -4.67 -4.17 -11.35
CA THR F 28 -5.75 -4.09 -12.35
C THR F 28 -6.87 -3.18 -11.83
N ILE F 29 -7.12 -3.20 -10.54
CA ILE F 29 -8.26 -2.49 -9.93
C ILE F 29 -7.87 -1.09 -9.51
N LYS F 30 -6.61 -0.69 -9.48
CA LYS F 30 -6.10 0.58 -8.95
C LYS F 30 -6.11 1.63 -10.07
N GLY F 31 -6.64 2.82 -9.81
CA GLY F 31 -6.63 3.96 -10.74
C GLY F 31 -5.25 4.61 -10.82
N NH2 F 32 -5.19 5.54 -11.69
N GLY G 2 5.44 -38.37 12.27
CA GLY G 2 6.42 -37.21 12.25
C GLY G 2 5.73 -35.87 12.24
N GLU G 3 5.30 -35.40 13.40
CA GLU G 3 4.31 -34.29 13.52
C GLU G 3 4.84 -33.01 12.87
N ILE G 4 6.07 -32.59 13.10
CA ILE G 4 6.55 -31.30 12.54
C ILE G 4 6.60 -31.43 11.02
N ALA G 5 7.23 -32.51 10.50
CA ALA G 5 7.36 -32.71 9.05
C ALA G 5 5.97 -32.74 8.43
N GLN G 6 5.03 -33.45 9.05
CA GLN G 6 3.70 -33.66 8.45
C GLN G 6 2.95 -32.34 8.42
N THR G 7 3.04 -31.52 9.47
CA THR G 7 2.32 -30.24 9.53
C THR G 7 2.87 -29.31 8.47
N ILE G 8 4.18 -29.23 8.32
CA ILE G 8 4.80 -28.36 7.29
C ILE G 8 4.38 -28.85 5.88
N LYS G 9 4.32 -30.16 5.67
CA LYS G 9 3.85 -30.73 4.37
C LYS G 9 2.40 -30.28 4.14
N GLU G 10 1.55 -30.33 5.15
CA GLU G 10 0.12 -29.93 5.04
C GLU G 10 0.08 -28.44 4.70
N ILE G 11 0.89 -27.62 5.32
CA ILE G 11 0.97 -26.17 5.00
C ILE G 11 1.36 -26.03 3.52
N ALA G 12 2.37 -26.73 3.05
CA ALA G 12 2.85 -26.64 1.66
C ALA G 12 1.68 -26.98 0.70
N LYS G 13 0.92 -28.02 1.00
CA LYS G 13 -0.21 -28.45 0.15
C LYS G 13 -1.28 -27.37 0.12
N THR G 14 -1.63 -26.82 1.28
CA THR G 14 -2.67 -25.79 1.37
C THR G 14 -2.21 -24.54 0.60
N ILE G 15 -0.97 -24.15 0.70
CA ILE G 15 -0.45 -22.95 0.00
C ILE G 15 -0.51 -23.20 -1.51
N LYS G 16 -0.24 -24.43 -1.97
CA LYS G 16 -0.37 -24.75 -3.42
C LYS G 16 -1.84 -24.61 -3.84
N GLU G 17 -2.78 -25.02 -3.01
CA GLU G 17 -4.23 -24.83 -3.31
C GLU G 17 -4.51 -23.34 -3.46
N ILE G 18 -4.05 -22.53 -2.53
CA ILE G 18 -4.26 -21.06 -2.55
C ILE G 18 -3.67 -20.51 -3.84
N ALA G 19 -2.46 -20.93 -4.23
CA ALA G 19 -1.81 -20.39 -5.45
C ALA G 19 -2.69 -20.68 -6.67
CD1 4BF G 20 -6.89 -24.22 -7.96
CE1 4BF G 20 -8.06 -24.47 -8.67
CZ 4BF G 20 -7.98 -24.64 -10.03
BR 4BF G 20 -9.56 -25.01 -10.98
CE2 4BF G 20 -6.80 -24.50 -10.70
CD2 4BF G 20 -5.64 -24.22 -9.98
CG 4BF G 20 -5.68 -24.13 -8.60
CB 4BF G 20 -4.46 -23.70 -7.84
CA 4BF G 20 -4.15 -22.20 -7.87
N 4BF G 20 -3.32 -21.82 -6.70
C 4BF G 20 -5.40 -21.31 -7.84
O 4BF G 20 -5.74 -20.74 -8.89
N THR G 21 -6.02 -21.20 -6.70
CA THR G 21 -7.30 -20.46 -6.59
C THR G 21 -7.05 -19.01 -6.94
N ILE G 22 -5.98 -18.40 -6.43
CA ILE G 22 -5.75 -16.96 -6.68
C ILE G 22 -5.49 -16.76 -8.18
N LYS G 23 -4.82 -17.67 -8.85
CA LYS G 23 -4.61 -17.58 -10.30
C LYS G 23 -5.97 -17.65 -11.03
N GLU G 24 -6.86 -18.52 -10.59
CA GLU G 24 -8.22 -18.62 -11.20
C GLU G 24 -8.94 -17.27 -11.05
N ILE G 25 -8.85 -16.67 -9.87
CA ILE G 25 -9.48 -15.35 -9.59
C ILE G 25 -8.86 -14.32 -10.52
N ALA G 26 -7.55 -14.24 -10.61
CA ALA G 26 -6.85 -13.24 -11.45
C ALA G 26 -7.28 -13.42 -12.89
N GLN G 27 -7.45 -14.65 -13.37
CA GLN G 27 -7.82 -14.90 -14.79
C GLN G 27 -9.25 -14.40 -15.03
N THR G 28 -10.16 -14.66 -14.09
CA THR G 28 -11.59 -14.27 -14.26
C THR G 28 -11.68 -12.74 -14.28
N ILE G 29 -10.90 -12.06 -13.45
CA ILE G 29 -10.98 -10.58 -13.30
C ILE G 29 -10.34 -9.91 -14.54
N LYS G 30 -9.22 -10.46 -15.04
CA LYS G 30 -8.45 -9.77 -16.11
C LYS G 30 -8.89 -10.22 -17.50
N GLY G 31 -9.66 -11.31 -17.63
CA GLY G 31 -9.84 -12.04 -18.90
C GLY G 31 -10.43 -13.41 -18.71
C ACE H 1 3.13 -27.84 23.43
O ACE H 1 2.84 -26.85 24.02
CH3 ACE H 1 2.10 -28.96 23.19
N GLY H 2 4.31 -28.07 22.94
CA GLY H 2 5.40 -27.09 23.06
C GLY H 2 5.18 -25.89 22.18
N GLU H 3 5.89 -24.81 22.45
CA GLU H 3 5.68 -23.49 21.77
C GLU H 3 5.89 -23.59 20.26
N ILE H 4 6.91 -24.28 19.77
CA ILE H 4 7.15 -24.37 18.29
C ILE H 4 5.99 -25.17 17.69
N ALA H 5 5.64 -26.33 18.24
CA ALA H 5 4.55 -27.17 17.72
C ALA H 5 3.26 -26.35 17.71
N GLN H 6 2.97 -25.60 18.76
CA GLN H 6 1.68 -24.89 18.88
C GLN H 6 1.64 -23.77 17.83
N THR H 7 2.75 -23.07 17.60
CA THR H 7 2.79 -21.96 16.62
C THR H 7 2.58 -22.54 15.23
N ILE H 8 3.25 -23.64 14.90
CA ILE H 8 3.11 -24.25 13.55
C ILE H 8 1.66 -24.72 13.37
N LYS H 9 1.04 -25.28 14.39
CA LYS H 9 -0.39 -25.69 14.33
C LYS H 9 -1.25 -24.47 14.03
N GLU H 10 -0.99 -23.35 14.70
CA GLU H 10 -1.77 -22.10 14.55
C GLU H 10 -1.61 -21.62 13.10
N ILE H 11 -0.41 -21.67 12.55
CA ILE H 11 -0.15 -21.26 11.15
C ILE H 11 -0.97 -22.17 10.25
N ALA H 12 -0.92 -23.48 10.45
CA ALA H 12 -1.63 -24.44 9.57
C ALA H 12 -3.13 -24.12 9.58
N LYS H 13 -3.69 -23.85 10.75
CA LYS H 13 -5.14 -23.59 10.89
C LYS H 13 -5.49 -22.29 10.16
N THR H 14 -4.69 -21.26 10.35
CA THR H 14 -4.98 -19.94 9.74
C THR H 14 -4.87 -20.05 8.23
N ILE H 15 -3.89 -20.78 7.72
CA ILE H 15 -3.75 -20.92 6.24
C ILE H 15 -4.96 -21.68 5.70
N LYS H 16 -5.49 -22.66 6.42
CA LYS H 16 -6.72 -23.37 5.98
C LYS H 16 -7.90 -22.39 5.99
N GLU H 17 -8.00 -21.47 6.94
CA GLU H 17 -9.06 -20.42 6.95
C GLU H 17 -8.93 -19.58 5.68
N ILE H 18 -7.74 -19.15 5.35
CA ILE H 18 -7.49 -18.33 4.13
C ILE H 18 -7.90 -19.14 2.90
N ALA H 19 -7.54 -20.41 2.84
CA ALA H 19 -7.88 -21.29 1.70
C ALA H 19 -9.39 -21.36 1.54
CD1 4BF H 20 -14.28 -20.49 4.41
CE1 4BF H 20 -15.65 -20.38 4.46
CZ 4BF H 20 -16.41 -21.50 4.31
BR 4BF H 20 -18.31 -21.34 4.42
CE2 4BF H 20 -15.84 -22.73 4.02
CD2 4BF H 20 -14.46 -22.80 3.90
CG 4BF H 20 -13.67 -21.69 4.09
CB 4BF H 20 -12.17 -21.81 3.95
CA 4BF H 20 -11.62 -21.48 2.56
N 4BF H 20 -10.14 -21.37 2.62
C 4BF H 20 -12.11 -20.13 2.05
O 4BF H 20 -12.95 -20.15 1.11
N THR H 21 -11.62 -19.04 2.55
CA THR H 21 -12.15 -17.71 2.16
C THR H 21 -11.83 -17.48 0.70
N ILE H 22 -10.64 -17.82 0.22
CA ILE H 22 -10.30 -17.54 -1.19
C ILE H 22 -11.17 -18.42 -2.09
N LYS H 23 -11.50 -19.62 -1.69
CA LYS H 23 -12.43 -20.49 -2.46
C LYS H 23 -13.81 -19.83 -2.52
N GLU H 24 -14.27 -19.25 -1.42
CA GLU H 24 -15.57 -18.52 -1.41
C GLU H 24 -15.51 -17.36 -2.41
N ILE H 25 -14.42 -16.63 -2.44
CA ILE H 25 -14.21 -15.52 -3.41
C ILE H 25 -14.25 -16.09 -4.83
N ALA H 26 -13.53 -17.16 -5.12
CA ALA H 26 -13.51 -17.78 -6.47
C ALA H 26 -14.92 -18.18 -6.86
N GLN H 27 -15.73 -18.69 -5.94
CA GLN H 27 -17.14 -19.09 -6.24
C GLN H 27 -17.99 -17.85 -6.59
N THR H 28 -17.83 -16.77 -5.83
CA THR H 28 -18.61 -15.51 -6.02
C THR H 28 -18.25 -14.93 -7.40
N ILE H 29 -16.99 -15.00 -7.80
CA ILE H 29 -16.49 -14.35 -9.04
C ILE H 29 -16.83 -15.22 -10.26
N LYS H 30 -16.79 -16.54 -10.12
CA LYS H 30 -16.82 -17.43 -11.33
C LYS H 30 -18.22 -17.96 -11.58
N GLY H 31 -19.01 -18.13 -10.51
N GLY I 2 13.67 -16.15 21.61
CA GLY I 2 14.51 -17.14 20.82
C GLY I 2 14.17 -17.05 19.35
N GLU I 3 15.18 -16.97 18.47
CA GLU I 3 15.03 -16.48 17.09
C GLU I 3 13.99 -17.34 16.33
N ILE I 4 14.05 -18.67 16.33
CA ILE I 4 13.08 -19.44 15.50
C ILE I 4 11.68 -19.22 16.05
N ALA I 5 11.47 -19.37 17.35
CA ALA I 5 10.14 -19.21 17.97
C ALA I 5 9.60 -17.82 17.63
N GLN I 6 10.43 -16.79 17.77
CA GLN I 6 9.95 -15.40 17.61
C GLN I 6 9.57 -15.18 16.14
N THR I 7 10.36 -15.69 15.20
CA THR I 7 10.12 -15.45 13.77
C THR I 7 8.84 -16.17 13.38
N ILE I 8 8.64 -17.41 13.82
CA ILE I 8 7.40 -18.11 13.39
C ILE I 8 6.20 -17.48 14.10
N LYS I 9 6.31 -16.94 15.30
CA LYS I 9 5.20 -16.19 15.94
C LYS I 9 4.87 -14.97 15.07
N GLU I 10 5.87 -14.27 14.58
CA GLU I 10 5.67 -13.06 13.73
C GLU I 10 4.94 -13.50 12.43
N ILE I 11 5.34 -14.62 11.86
CA ILE I 11 4.66 -15.17 10.66
C ILE I 11 3.20 -15.45 11.01
N ALA I 12 2.94 -16.12 12.13
CA ALA I 12 1.55 -16.48 12.53
C ALA I 12 0.71 -15.20 12.66
N LYS I 13 1.26 -14.15 13.24
CA LYS I 13 0.51 -12.88 13.46
C LYS I 13 0.20 -12.25 12.09
N THR I 14 1.18 -12.22 11.19
CA THR I 14 0.99 -11.62 9.86
C THR I 14 -0.09 -12.41 9.09
N ILE I 15 -0.05 -13.73 9.16
CA ILE I 15 -1.04 -14.57 8.44
C ILE I 15 -2.45 -14.30 9.02
N LYS I 16 -2.58 -14.08 10.32
CA LYS I 16 -3.87 -13.73 10.93
C LYS I 16 -4.35 -12.37 10.40
N GLU I 17 -3.45 -11.41 10.18
CA GLU I 17 -3.82 -10.10 9.58
C GLU I 17 -4.40 -10.36 8.19
N ILE I 18 -3.70 -11.17 7.39
CA ILE I 18 -4.14 -11.51 6.02
C ILE I 18 -5.54 -12.16 6.09
N ALA I 19 -5.74 -13.11 7.02
CA ALA I 19 -7.02 -13.84 7.13
C ALA I 19 -8.16 -12.84 7.39
CD1 4BF I 20 -10.06 -7.82 9.59
CE1 4BF I 20 -11.20 -7.14 9.95
CZ 4BF I 20 -12.06 -7.69 10.88
BR 4BF I 20 -13.69 -6.78 11.31
CE2 4BF I 20 -11.79 -8.93 11.42
CD2 4BF I 20 -10.63 -9.60 11.04
CG 4BF I 20 -9.77 -9.09 10.08
CB 4BF I 20 -8.59 -9.91 9.63
CA 4BF I 20 -8.97 -10.85 8.49
N 4BF I 20 -7.91 -11.80 8.16
C 4BF I 20 -9.27 -10.03 7.22
O 4BF I 20 -10.49 -9.93 6.82
N THR I 21 -8.26 -9.59 6.54
CA THR I 21 -8.42 -8.68 5.40
C THR I 21 -9.10 -9.45 4.28
N ILE I 22 -8.71 -10.70 4.03
CA ILE I 22 -9.30 -11.45 2.89
C ILE I 22 -10.79 -11.68 3.18
N LYS I 23 -11.16 -11.91 4.44
CA LYS I 23 -12.58 -12.09 4.78
C LYS I 23 -13.34 -10.78 4.53
N GLU I 24 -12.74 -9.64 4.85
CA GLU I 24 -13.39 -8.32 4.60
C GLU I 24 -13.64 -8.20 3.10
N ILE I 25 -12.63 -8.54 2.27
CA ILE I 25 -12.79 -8.44 0.80
C ILE I 25 -13.93 -9.36 0.34
N ALA I 26 -13.91 -10.61 0.78
CA ALA I 26 -14.95 -11.59 0.36
C ALA I 26 -16.34 -11.06 0.71
N GLN I 27 -16.48 -10.48 1.89
CA GLN I 27 -17.80 -10.02 2.38
C GLN I 27 -18.28 -8.82 1.56
N THR I 28 -17.39 -7.93 1.16
CA THR I 28 -17.80 -6.69 0.44
C THR I 28 -18.39 -7.07 -0.92
N ILE I 29 -17.86 -8.11 -1.57
CA ILE I 29 -18.29 -8.49 -2.94
C ILE I 29 -19.41 -9.51 -2.92
N LYS I 30 -19.80 -10.08 -1.80
CA LYS I 30 -20.81 -11.17 -1.69
C LYS I 30 -22.22 -10.59 -1.57
N GLY I 31 -23.18 -11.07 -2.38
CA GLY I 31 -24.56 -10.59 -2.41
C GLY I 31 -25.40 -11.10 -1.25
N NH2 I 32 -24.82 -11.96 -0.49
C ACE J 1 22.71 -19.20 7.38
O ACE J 1 22.97 -19.42 6.25
CH3 ACE J 1 22.96 -17.84 7.97
N GLY J 2 22.24 -20.13 8.21
CA GLY J 2 21.94 -21.48 7.73
C GLY J 2 20.75 -21.53 6.81
N GLU J 3 20.60 -22.61 6.07
CA GLU J 3 19.53 -22.74 5.03
C GLU J 3 18.15 -22.64 5.68
N ILE J 4 17.88 -23.32 6.79
CA ILE J 4 16.52 -23.26 7.41
C ILE J 4 16.25 -21.81 7.85
N ALA J 5 17.16 -21.19 8.57
CA ALA J 5 17.00 -19.81 9.09
C ALA J 5 16.75 -18.86 7.90
N GLN J 6 17.51 -19.01 6.83
CA GLN J 6 17.43 -18.05 5.70
C GLN J 6 16.07 -18.24 5.01
N THR J 7 15.60 -19.48 4.85
CA THR J 7 14.32 -19.75 4.18
C THR J 7 13.19 -19.19 5.02
N ILE J 8 13.20 -19.38 6.32
CA ILE J 8 12.12 -18.84 7.20
C ILE J 8 12.14 -17.31 7.13
N LYS J 9 13.32 -16.68 7.10
CA LYS J 9 13.39 -15.20 6.94
C LYS J 9 12.73 -14.78 5.62
N GLU J 10 13.00 -15.51 4.54
CA GLU J 10 12.46 -15.20 3.20
C GLU J 10 10.93 -15.31 3.26
N ILE J 11 10.42 -16.36 3.90
CA ILE J 11 8.97 -16.56 4.06
C ILE J 11 8.39 -15.36 4.80
N ALA J 12 9.00 -14.97 5.93
CA ALA J 12 8.46 -13.89 6.77
C ALA J 12 8.38 -12.61 5.94
N LYS J 13 9.41 -12.32 5.15
CA LYS J 13 9.46 -11.07 4.36
C LYS J 13 8.35 -11.10 3.31
N THR J 14 8.22 -12.22 2.62
CA THR J 14 7.23 -12.33 1.52
C THR J 14 5.83 -12.21 2.10
N ILE J 15 5.56 -12.83 3.24
CA ILE J 15 4.22 -12.76 3.85
C ILE J 15 3.91 -11.32 4.24
N LYS J 16 4.88 -10.55 4.71
CA LYS J 16 4.66 -9.12 5.03
C LYS J 16 4.30 -8.37 3.74
N GLU J 17 4.95 -8.67 2.61
CA GLU J 17 4.62 -8.02 1.33
C GLU J 17 3.17 -8.34 0.97
N ILE J 18 2.78 -9.60 1.09
CA ILE J 18 1.40 -10.03 0.75
C ILE J 18 0.43 -9.29 1.65
N ALA J 19 0.71 -9.19 2.95
CA ALA J 19 -0.20 -8.51 3.90
C ALA J 19 -0.40 -7.05 3.46
CD1 4BF J 20 1.86 -2.33 0.91
CE1 4BF J 20 1.70 -0.96 0.66
CZ 4BF J 20 1.06 -0.17 1.58
BR 4BF J 20 0.71 1.66 1.18
CE2 4BF J 20 0.65 -0.71 2.79
CD2 4BF J 20 0.93 -2.04 3.05
CG 4BF J 20 1.62 -2.84 2.15
CB 4BF J 20 1.82 -4.32 2.38
CA 4BF J 20 0.46 -5.00 2.54
N 4BF J 20 0.61 -6.41 2.95
C 4BF J 20 -0.32 -4.97 1.24
O 4BF J 20 -1.24 -4.15 1.15
N THR J 21 -0.13 -5.82 0.33
CA THR J 21 -0.83 -5.82 -0.98
C THR J 21 -2.31 -6.11 -0.70
N ILE J 22 -2.63 -7.07 0.16
CA ILE J 22 -4.07 -7.37 0.39
C ILE J 22 -4.74 -6.18 1.08
N LYS J 23 -4.03 -5.48 1.95
CA LYS J 23 -4.56 -4.24 2.57
C LYS J 23 -4.80 -3.18 1.48
N GLU J 24 -3.90 -3.05 0.51
CA GLU J 24 -4.08 -2.07 -0.59
C GLU J 24 -5.31 -2.46 -1.39
N ILE J 25 -5.56 -3.75 -1.66
CA ILE J 25 -6.76 -4.22 -2.37
C ILE J 25 -7.98 -3.81 -1.55
N ALA J 26 -8.01 -4.10 -0.26
CA ALA J 26 -9.17 -3.75 0.59
C ALA J 26 -9.42 -2.24 0.54
N GLN J 27 -8.36 -1.45 0.56
CA GLN J 27 -8.48 0.05 0.55
C GLN J 27 -9.05 0.51 -0.80
N THR J 28 -8.58 -0.05 -1.90
CA THR J 28 -8.99 0.34 -3.28
C THR J 28 -10.47 0.02 -3.43
N ILE J 29 -10.92 -1.11 -2.88
CA ILE J 29 -12.32 -1.57 -3.10
C ILE J 29 -13.25 -0.78 -2.19
N LYS J 30 -12.85 -0.48 -0.96
CA LYS J 30 -13.87 -0.06 0.06
C LYS J 30 -13.33 1.01 1.00
N GLY J 31 -12.02 1.20 1.09
CA GLY J 31 -11.40 2.17 2.03
C GLY J 31 -11.27 1.53 3.39
#